data_2FBS
#
_entry.id   2FBS
#
_entity_poly.entity_id   1
_entity_poly.type   'polypeptide(L)'
_entity_poly.pdbx_seq_one_letter_code
;FKRIVQRIKDFLR(NH2)
;
_entity_poly.pdbx_strand_id   N
#
# COMPACT_ATOMS: atom_id res chain seq x y z
N PHE A 1 -9.85 0.01 2.37
CA PHE A 1 -8.84 -1.09 2.52
C PHE A 1 -7.86 -1.02 1.36
N LYS A 2 -8.33 -0.54 0.21
CA LYS A 2 -7.47 -0.44 -0.96
C LYS A 2 -6.54 0.78 -0.82
N ARG A 3 -7.00 1.79 -0.09
CA ARG A 3 -6.21 3.00 0.10
C ARG A 3 -5.08 2.74 1.10
N ILE A 4 -5.40 2.05 2.19
CA ILE A 4 -4.38 1.76 3.20
C ILE A 4 -3.42 0.69 2.68
N VAL A 5 -3.94 -0.23 1.88
CA VAL A 5 -3.12 -1.29 1.31
C VAL A 5 -2.16 -0.72 0.28
N GLN A 6 -2.56 0.39 -0.34
CA GLN A 6 -1.73 1.03 -1.35
C GLN A 6 -0.44 1.54 -0.73
N ARG A 7 -0.54 2.10 0.47
CA ARG A 7 0.62 2.64 1.17
C ARG A 7 1.60 1.51 1.53
N ILE A 8 1.07 0.35 1.86
CA ILE A 8 1.92 -0.78 2.24
C ILE A 8 2.81 -1.20 1.07
N LYS A 9 2.20 -1.43 -0.08
CA LYS A 9 2.97 -1.83 -1.26
C LYS A 9 4.08 -0.82 -1.54
N ASP A 10 3.79 0.44 -1.22
CA ASP A 10 4.76 1.51 -1.42
C ASP A 10 5.87 1.41 -0.39
N PHE A 11 5.55 0.81 0.76
CA PHE A 11 6.53 0.66 1.83
C PHE A 11 7.58 -0.38 1.42
N LEU A 12 7.15 -1.56 0.99
CA LEU A 12 8.08 -2.60 0.59
C LEU A 12 8.70 -2.29 -0.77
N ARG A 13 7.92 -1.70 -1.66
CA ARG A 13 8.41 -1.37 -2.99
C ARG A 13 8.37 0.14 -3.18
N PHE A 1 -8.92 -0.24 -4.44
CA PHE A 1 -8.38 -1.18 -3.41
C PHE A 1 -6.87 -1.30 -3.57
N LYS A 2 -6.43 -1.46 -4.82
CA LYS A 2 -5.00 -1.59 -5.08
C LYS A 2 -4.29 -0.28 -4.79
N ARG A 3 -4.99 0.83 -4.95
CA ARG A 3 -4.42 2.15 -4.70
C ARG A 3 -4.31 2.39 -3.20
N ILE A 4 -5.37 2.08 -2.47
CA ILE A 4 -5.37 2.29 -1.03
C ILE A 4 -4.48 1.24 -0.34
N VAL A 5 -4.41 0.05 -0.93
CA VAL A 5 -3.58 -1.01 -0.38
C VAL A 5 -2.11 -0.67 -0.60
N GLN A 6 -1.85 0.10 -1.65
CA GLN A 6 -0.49 0.52 -1.98
C GLN A 6 0.13 1.28 -0.81
N ARG A 7 -0.64 2.19 -0.24
CA ARG A 7 -0.17 2.98 0.88
C ARG A 7 0.19 2.09 2.07
N ILE A 8 -0.68 1.13 2.35
CA ILE A 8 -0.44 0.21 3.46
C ILE A 8 0.83 -0.60 3.22
N LYS A 9 0.94 -1.22 2.05
CA LYS A 9 2.12 -2.01 1.73
C LYS A 9 3.37 -1.14 1.82
N ASP A 10 3.21 0.14 1.51
CA ASP A 10 4.31 1.08 1.57
C ASP A 10 4.66 1.39 3.02
N PHE A 11 3.69 1.25 3.90
CA PHE A 11 3.90 1.51 5.31
C PHE A 11 4.79 0.41 5.92
N LEU A 12 4.40 -0.85 5.73
CA LEU A 12 5.18 -1.95 6.26
C LEU A 12 6.46 -2.18 5.46
N ARG A 13 6.37 -2.01 4.15
CA ARG A 13 7.54 -2.22 3.28
C ARG A 13 7.74 -0.99 2.40
N PHE A 1 -7.08 0.23 -7.82
CA PHE A 1 -6.11 1.17 -7.20
C PHE A 1 -5.90 0.79 -5.74
N LYS A 2 -6.90 0.14 -5.15
CA LYS A 2 -6.81 -0.28 -3.76
C LYS A 2 -5.58 -1.15 -3.54
N ARG A 3 -5.27 -1.99 -4.53
CA ARG A 3 -4.11 -2.87 -4.42
C ARG A 3 -2.82 -2.04 -4.34
N ILE A 4 -2.69 -1.08 -5.25
CA ILE A 4 -1.50 -0.22 -5.26
C ILE A 4 -1.44 0.62 -3.99
N VAL A 5 -2.61 0.96 -3.46
CA VAL A 5 -2.70 1.76 -2.24
C VAL A 5 -2.34 0.91 -1.03
N GLN A 6 -2.62 -0.38 -1.11
CA GLN A 6 -2.33 -1.30 -0.03
C GLN A 6 -0.82 -1.45 0.15
N ARG A 7 -0.10 -1.33 -0.97
CA ARG A 7 1.36 -1.45 -0.93
C ARG A 7 1.98 -0.25 -0.21
N ILE A 8 1.32 0.90 -0.33
CA ILE A 8 1.84 2.11 0.33
C ILE A 8 1.92 1.90 1.84
N LYS A 9 0.96 1.17 2.39
CA LYS A 9 0.95 0.90 3.82
C LYS A 9 2.03 -0.14 4.14
N ASP A 10 2.11 -1.17 3.32
CA ASP A 10 3.09 -2.22 3.51
C ASP A 10 4.50 -1.64 3.42
N PHE A 11 4.62 -0.53 2.69
CA PHE A 11 5.91 0.11 2.53
C PHE A 11 6.48 0.54 3.88
N LEU A 12 5.67 1.22 4.69
CA LEU A 12 6.13 1.68 6.00
C LEU A 12 6.25 0.53 6.99
N ARG A 13 5.20 -0.29 7.08
CA ARG A 13 5.20 -1.42 8.01
C ARG A 13 5.09 -2.71 7.23
N PHE A 1 -5.44 8.13 -0.72
CA PHE A 1 -5.84 6.74 -1.10
C PHE A 1 -4.59 5.94 -1.45
N LYS A 2 -3.73 6.53 -2.28
CA LYS A 2 -2.50 5.85 -2.68
C LYS A 2 -1.68 5.48 -1.45
N ARG A 3 -1.66 6.36 -0.47
CA ARG A 3 -0.90 6.11 0.76
C ARG A 3 -1.43 4.85 1.45
N ILE A 4 -2.75 4.78 1.59
CA ILE A 4 -3.37 3.62 2.23
C ILE A 4 -3.15 2.37 1.39
N VAL A 5 -3.30 2.52 0.08
CA VAL A 5 -3.11 1.41 -0.85
C VAL A 5 -1.67 0.91 -0.80
N GLN A 6 -0.74 1.82 -0.50
CA GLN A 6 0.66 1.46 -0.42
C GLN A 6 0.90 0.47 0.73
N ARG A 7 0.20 0.69 1.83
CA ARG A 7 0.34 -0.17 2.99
C ARG A 7 -0.02 -1.61 2.66
N ILE A 8 -1.17 -1.79 2.01
CA ILE A 8 -1.63 -3.12 1.63
C ILE A 8 -0.65 -3.74 0.64
N LYS A 9 -0.09 -2.93 -0.24
CA LYS A 9 0.86 -3.43 -1.21
C LYS A 9 2.20 -3.71 -0.53
N ASP A 10 2.62 -2.80 0.33
CA ASP A 10 3.87 -2.96 1.05
C ASP A 10 3.81 -4.21 1.93
N PHE A 11 2.61 -4.59 2.30
CA PHE A 11 2.41 -5.77 3.13
C PHE A 11 2.95 -7.02 2.44
N LEU A 12 2.56 -7.22 1.18
CA LEU A 12 3.02 -8.39 0.43
C LEU A 12 4.48 -8.26 0.00
N ARG A 13 4.84 -7.13 -0.59
CA ARG A 13 6.20 -6.91 -1.04
C ARG A 13 6.75 -5.63 -0.42
N PHE A 1 -9.80 1.11 -0.25
CA PHE A 1 -8.96 0.11 0.46
C PHE A 1 -7.74 -0.24 -0.40
N LYS A 2 -7.94 -0.22 -1.72
CA LYS A 2 -6.85 -0.52 -2.64
C LYS A 2 -5.88 0.65 -2.69
N ARG A 3 -6.39 1.85 -2.44
CA ARG A 3 -5.57 3.05 -2.46
C ARG A 3 -4.63 3.09 -1.25
N ILE A 4 -5.19 2.85 -0.06
CA ILE A 4 -4.37 2.86 1.15
C ILE A 4 -3.44 1.66 1.18
N VAL A 5 -3.89 0.56 0.60
CA VAL A 5 -3.10 -0.65 0.55
C VAL A 5 -1.94 -0.49 -0.43
N GLN A 6 -2.12 0.38 -1.42
CA GLN A 6 -1.08 0.62 -2.41
C GLN A 6 0.12 1.33 -1.79
N ARG A 7 -0.17 2.34 -0.98
CA ARG A 7 0.90 3.10 -0.32
C ARG A 7 1.62 2.26 0.73
N ILE A 8 0.86 1.47 1.48
CA ILE A 8 1.46 0.64 2.51
C ILE A 8 2.43 -0.36 1.90
N LYS A 9 2.01 -1.00 0.82
CA LYS A 9 2.87 -1.97 0.16
C LYS A 9 4.22 -1.35 -0.15
N ASP A 10 4.23 -0.06 -0.46
CA ASP A 10 5.46 0.66 -0.76
C ASP A 10 6.28 0.84 0.51
N PHE A 11 5.59 0.85 1.65
CA PHE A 11 6.27 1.01 2.93
C PHE A 11 7.02 -0.28 3.29
N LEU A 12 6.32 -1.40 3.27
CA LEU A 12 6.95 -2.68 3.58
C LEU A 12 7.85 -3.14 2.45
N ARG A 13 7.45 -2.86 1.22
CA ARG A 13 8.24 -3.26 0.06
C ARG A 13 8.67 -2.04 -0.72
N PHE A 1 -9.99 2.51 2.44
CA PHE A 1 -8.79 2.26 3.27
C PHE A 1 -7.91 1.22 2.57
N LYS A 2 -8.49 0.52 1.61
CA LYS A 2 -7.76 -0.50 0.87
C LYS A 2 -6.82 0.13 -0.14
N ARG A 3 -7.19 1.31 -0.62
CA ARG A 3 -6.37 2.02 -1.60
C ARG A 3 -5.07 2.51 -0.98
N ILE A 4 -5.17 3.15 0.18
CA ILE A 4 -3.98 3.66 0.87
C ILE A 4 -3.14 2.50 1.39
N VAL A 5 -3.81 1.41 1.76
CA VAL A 5 -3.11 0.24 2.27
C VAL A 5 -2.33 -0.45 1.16
N GLN A 6 -2.82 -0.31 -0.07
CA GLN A 6 -2.18 -0.92 -1.22
C GLN A 6 -0.87 -0.19 -1.55
N ARG A 7 -0.95 1.14 -1.55
CA ARG A 7 0.23 1.95 -1.85
C ARG A 7 1.34 1.69 -0.84
N ILE A 8 0.96 1.36 0.39
CA ILE A 8 1.93 1.09 1.44
C ILE A 8 2.84 -0.07 1.04
N LYS A 9 2.28 -1.04 0.32
CA LYS A 9 3.06 -2.18 -0.11
C LYS A 9 3.99 -1.78 -1.25
N ASP A 10 3.44 -1.05 -2.22
CA ASP A 10 4.23 -0.58 -3.35
C ASP A 10 5.39 0.27 -2.86
N PHE A 11 5.22 0.87 -1.69
CA PHE A 11 6.25 1.73 -1.13
C PHE A 11 7.53 0.92 -0.86
N LEU A 12 7.41 -0.21 -0.17
CA LEU A 12 8.58 -1.03 0.13
C LEU A 12 9.07 -1.78 -1.10
N ARG A 13 8.15 -2.35 -1.86
CA ARG A 13 8.50 -3.11 -3.05
C ARG A 13 7.93 -2.43 -4.28
N PHE A 1 -8.13 2.05 -6.03
CA PHE A 1 -6.95 2.84 -5.56
C PHE A 1 -6.42 2.22 -4.28
N LYS A 2 -7.11 1.20 -3.78
CA LYS A 2 -6.69 0.52 -2.56
C LYS A 2 -5.52 -0.41 -2.82
N ARG A 3 -5.53 -1.07 -3.97
CA ARG A 3 -4.46 -2.00 -4.31
C ARG A 3 -3.14 -1.26 -4.51
N ILE A 4 -3.19 -0.11 -5.18
CA ILE A 4 -1.98 0.67 -5.41
C ILE A 4 -1.54 1.33 -4.11
N VAL A 5 -2.51 1.87 -3.37
CA VAL A 5 -2.21 2.50 -2.09
C VAL A 5 -1.76 1.44 -1.10
N GLN A 6 -2.22 0.21 -1.32
CA GLN A 6 -1.85 -0.90 -0.45
C GLN A 6 -0.34 -1.11 -0.49
N ARG A 7 0.27 -0.76 -1.63
CA ARG A 7 1.71 -0.90 -1.78
C ARG A 7 2.43 -0.06 -0.74
N ILE A 8 1.88 1.12 -0.46
CA ILE A 8 2.46 2.02 0.52
C ILE A 8 2.34 1.41 1.91
N LYS A 9 1.29 0.63 2.14
CA LYS A 9 1.09 -0.02 3.42
C LYS A 9 2.06 -1.19 3.56
N ASP A 10 2.10 -2.01 2.52
CA ASP A 10 3.00 -3.17 2.51
C ASP A 10 4.44 -2.72 2.73
N PHE A 11 4.72 -1.48 2.38
CA PHE A 11 6.06 -0.93 2.54
C PHE A 11 6.46 -0.93 4.03
N LEU A 12 5.61 -0.39 4.89
CA LEU A 12 5.92 -0.35 6.32
C LEU A 12 5.75 -1.71 6.97
N ARG A 13 4.71 -2.44 6.60
CA ARG A 13 4.46 -3.76 7.17
C ARG A 13 4.66 -4.81 6.10
N PHE A 1 -8.79 -3.12 -4.62
CA PHE A 1 -8.03 -3.61 -3.44
C PHE A 1 -6.55 -3.32 -3.64
N LYS A 2 -6.20 -2.87 -4.84
CA LYS A 2 -4.81 -2.57 -5.14
C LYS A 2 -4.37 -1.29 -4.44
N ARG A 3 -5.20 -0.26 -4.53
CA ARG A 3 -4.90 1.01 -3.89
C ARG A 3 -4.74 0.83 -2.39
N ILE A 4 -5.70 0.14 -1.78
CA ILE A 4 -5.65 -0.10 -0.34
C ILE A 4 -4.42 -0.92 0.01
N VAL A 5 -4.03 -1.81 -0.89
CA VAL A 5 -2.87 -2.66 -0.69
C VAL A 5 -1.59 -1.87 -0.96
N GLN A 6 -1.70 -0.87 -1.84
CA GLN A 6 -0.54 -0.05 -2.18
C GLN A 6 -0.25 0.95 -1.06
N ARG A 7 -1.27 1.27 -0.27
CA ARG A 7 -1.12 2.22 0.83
C ARG A 7 -0.34 1.58 1.98
N ILE A 8 -0.62 0.31 2.26
CA ILE A 8 0.07 -0.39 3.34
C ILE A 8 1.55 -0.55 3.02
N LYS A 9 1.85 -0.85 1.77
CA LYS A 9 3.23 -1.01 1.35
C LYS A 9 3.90 0.35 1.26
N ASP A 10 3.19 1.30 0.68
CA ASP A 10 3.69 2.66 0.54
C ASP A 10 3.98 3.25 1.92
N PHE A 11 3.28 2.74 2.92
CA PHE A 11 3.45 3.23 4.29
C PHE A 11 4.88 2.96 4.78
N LEU A 12 5.34 1.70 4.68
CA LEU A 12 6.68 1.37 5.13
C LEU A 12 7.75 1.85 4.15
N ARG A 13 7.46 1.76 2.86
CA ARG A 13 8.40 2.18 1.83
C ARG A 13 7.86 3.39 1.10
N PHE A 1 -8.39 3.40 -4.32
CA PHE A 1 -7.41 4.04 -3.40
C PHE A 1 -6.85 3.00 -2.45
N LYS A 2 -7.64 1.96 -2.19
CA LYS A 2 -7.22 0.89 -1.28
C LYS A 2 -6.19 0.00 -1.97
N ARG A 3 -6.27 -0.09 -3.30
CA ARG A 3 -5.34 -0.92 -4.05
C ARG A 3 -3.96 -0.27 -4.10
N ILE A 4 -3.91 1.02 -4.41
CA ILE A 4 -2.63 1.72 -4.48
C ILE A 4 -2.06 1.91 -3.08
N VAL A 5 -2.95 2.07 -2.10
CA VAL A 5 -2.54 2.25 -0.72
C VAL A 5 -1.95 0.96 -0.18
N GLN A 6 -2.42 -0.17 -0.73
CA GLN A 6 -1.93 -1.47 -0.30
C GLN A 6 -0.44 -1.58 -0.58
N ARG A 7 -0.03 -1.16 -1.76
CA ARG A 7 1.37 -1.23 -2.16
C ARG A 7 2.22 -0.33 -1.27
N ILE A 8 1.77 0.90 -1.08
CA ILE A 8 2.52 1.86 -0.26
C ILE A 8 2.61 1.37 1.18
N LYS A 9 1.50 0.89 1.72
CA LYS A 9 1.49 0.39 3.08
C LYS A 9 2.22 -0.95 3.15
N ASP A 10 2.07 -1.74 2.10
CA ASP A 10 2.74 -3.04 2.03
C ASP A 10 4.25 -2.86 1.98
N PHE A 11 4.67 -1.69 1.48
CA PHE A 11 6.08 -1.39 1.35
C PHE A 11 6.77 -1.31 2.72
N LEU A 12 6.21 -0.51 3.63
CA LEU A 12 6.80 -0.37 4.96
C LEU A 12 6.72 -1.65 5.78
N ARG A 13 5.68 -2.44 5.52
CA ARG A 13 5.50 -3.70 6.25
C ARG A 13 5.45 -4.85 5.26
N PHE A 1 -7.91 -3.86 -4.87
CA PHE A 1 -7.77 -3.57 -3.42
C PHE A 1 -6.32 -3.79 -3.00
N LYS A 2 -5.60 -4.61 -3.74
CA LYS A 2 -4.21 -4.89 -3.44
C LYS A 2 -3.33 -3.72 -3.88
N ARG A 3 -3.76 -3.00 -4.90
CA ARG A 3 -3.00 -1.86 -5.40
C ARG A 3 -3.09 -0.69 -4.45
N ILE A 4 -4.30 -0.39 -3.98
CA ILE A 4 -4.49 0.72 -3.05
C ILE A 4 -3.89 0.38 -1.69
N VAL A 5 -3.94 -0.91 -1.34
CA VAL A 5 -3.39 -1.35 -0.07
C VAL A 5 -1.86 -1.29 -0.11
N GLN A 6 -1.31 -1.43 -1.30
CA GLN A 6 0.13 -1.38 -1.49
C GLN A 6 0.67 -0.01 -1.08
N ARG A 7 -0.14 1.01 -1.32
CA ARG A 7 0.26 2.37 -0.98
C ARG A 7 0.21 2.60 0.53
N ILE A 8 -0.70 1.90 1.20
CA ILE A 8 -0.83 2.04 2.66
C ILE A 8 0.44 1.62 3.37
N LYS A 9 0.95 0.44 3.05
CA LYS A 9 2.17 -0.03 3.69
C LYS A 9 3.35 0.79 3.21
N ASP A 10 3.38 1.03 1.91
CA ASP A 10 4.44 1.82 1.31
C ASP A 10 4.47 3.22 1.92
N PHE A 11 3.32 3.65 2.43
CA PHE A 11 3.23 4.99 3.04
C PHE A 11 4.10 5.10 4.30
N LEU A 12 3.92 4.17 5.25
CA LEU A 12 4.68 4.20 6.49
C LEU A 12 6.16 3.90 6.24
N ARG A 13 6.45 3.13 5.20
CA ARG A 13 7.82 2.78 4.88
C ARG A 13 8.13 3.25 3.48
N PHE A 1 -7.44 6.77 -0.10
CA PHE A 1 -6.49 6.32 0.95
C PHE A 1 -6.21 4.84 0.78
N LYS A 2 -7.15 4.13 0.19
CA LYS A 2 -6.98 2.69 -0.04
C LYS A 2 -6.00 2.45 -1.17
N ARG A 3 -5.94 3.39 -2.10
CA ARG A 3 -5.04 3.27 -3.25
C ARG A 3 -3.58 3.46 -2.81
N ILE A 4 -3.32 4.50 -2.04
CA ILE A 4 -1.96 4.77 -1.58
C ILE A 4 -1.55 3.73 -0.54
N VAL A 5 -2.53 3.25 0.23
CA VAL A 5 -2.26 2.24 1.25
C VAL A 5 -1.93 0.90 0.59
N GLN A 6 -2.47 0.68 -0.60
CA GLN A 6 -2.22 -0.56 -1.32
C GLN A 6 -0.76 -0.67 -1.71
N ARG A 7 -0.22 0.43 -2.24
CA ARG A 7 1.18 0.45 -2.66
C ARG A 7 2.11 0.04 -1.52
N ILE A 8 1.74 0.39 -0.29
CA ILE A 8 2.56 0.05 0.86
C ILE A 8 2.71 -1.46 1.00
N LYS A 9 1.60 -2.19 0.92
CA LYS A 9 1.65 -3.63 1.03
C LYS A 9 2.67 -4.20 0.05
N ASP A 10 2.86 -3.50 -1.06
CA ASP A 10 3.82 -3.94 -2.07
C ASP A 10 5.24 -3.63 -1.59
N PHE A 11 5.36 -2.63 -0.73
CA PHE A 11 6.65 -2.24 -0.21
C PHE A 11 7.12 -3.27 0.82
N LEU A 12 6.28 -3.57 1.81
CA LEU A 12 6.62 -4.54 2.83
C LEU A 12 6.50 -5.97 2.30
N ARG A 13 5.53 -6.18 1.42
CA ARG A 13 5.31 -7.51 0.85
C ARG A 13 5.35 -7.44 -0.66
N PHE A 1 -9.89 0.43 -1.38
CA PHE A 1 -9.13 -0.44 -0.43
C PHE A 1 -7.82 -0.86 -1.09
N LYS A 2 -7.91 -1.35 -2.32
CA LYS A 2 -6.71 -1.78 -3.05
C LYS A 2 -5.74 -0.61 -3.22
N ARG A 3 -6.29 0.58 -3.43
CA ARG A 3 -5.47 1.77 -3.61
C ARG A 3 -4.83 2.17 -2.29
N ILE A 4 -5.60 2.10 -1.21
CA ILE A 4 -5.09 2.46 0.11
C ILE A 4 -4.13 1.38 0.60
N VAL A 5 -4.41 0.13 0.25
CA VAL A 5 -3.58 -0.98 0.66
C VAL A 5 -2.24 -0.93 -0.09
N GLN A 6 -2.26 -0.34 -1.28
CA GLN A 6 -1.05 -0.23 -2.08
C GLN A 6 -0.04 0.69 -1.39
N ARG A 7 -0.54 1.77 -0.81
CA ARG A 7 0.33 2.73 -0.13
C ARG A 7 0.83 2.17 1.20
N ILE A 8 -0.03 1.43 1.89
CA ILE A 8 0.34 0.85 3.18
C ILE A 8 1.36 -0.26 2.99
N LYS A 9 1.21 -1.03 1.92
CA LYS A 9 2.15 -2.12 1.67
C LYS A 9 3.49 -1.57 1.18
N ASP A 10 3.42 -0.53 0.35
CA ASP A 10 4.61 0.11 -0.18
C ASP A 10 5.43 0.70 0.96
N PHE A 11 4.75 1.02 2.06
CA PHE A 11 5.41 1.61 3.22
C PHE A 11 6.41 0.64 3.86
N LEU A 12 5.97 -0.58 4.17
CA LEU A 12 6.85 -1.55 4.79
C LEU A 12 7.94 -2.02 3.83
N ARG A 13 7.65 -2.01 2.55
CA ARG A 13 8.62 -2.44 1.54
C ARG A 13 8.87 -1.30 0.56
N PHE A 1 -8.42 5.29 3.86
CA PHE A 1 -7.23 4.67 4.52
C PHE A 1 -6.70 3.55 3.62
N LYS A 2 -7.61 2.87 2.92
CA LYS A 2 -7.20 1.79 2.03
C LYS A 2 -6.31 2.31 0.91
N ARG A 3 -6.50 3.57 0.53
CA ARG A 3 -5.70 4.17 -0.53
C ARG A 3 -4.23 4.28 -0.15
N ILE A 4 -3.97 4.82 1.04
CA ILE A 4 -2.59 4.97 1.50
C ILE A 4 -1.98 3.58 1.72
N VAL A 5 -2.81 2.65 2.15
CA VAL A 5 -2.36 1.29 2.38
C VAL A 5 -1.94 0.62 1.07
N GLN A 6 -2.65 0.99 0.00
CA GLN A 6 -2.38 0.45 -1.32
C GLN A 6 -0.93 0.73 -1.73
N ARG A 7 -0.47 1.94 -1.48
CA ARG A 7 0.88 2.33 -1.82
C ARG A 7 1.88 1.34 -1.23
N ILE A 8 1.69 1.01 0.03
CA ILE A 8 2.57 0.06 0.70
C ILE A 8 2.48 -1.30 0.00
N LYS A 9 1.26 -1.77 -0.21
CA LYS A 9 1.07 -3.05 -0.87
C LYS A 9 1.82 -3.08 -2.20
N ASP A 10 1.99 -1.91 -2.80
CA ASP A 10 2.72 -1.81 -4.06
C ASP A 10 4.21 -1.93 -3.81
N PHE A 11 4.62 -1.55 -2.60
CA PHE A 11 6.03 -1.62 -2.24
C PHE A 11 6.49 -3.07 -2.16
N LEU A 12 5.72 -3.92 -1.47
CA LEU A 12 6.08 -5.31 -1.34
C LEU A 12 5.85 -6.09 -2.64
N ARG A 13 4.71 -5.85 -3.28
CA ARG A 13 4.39 -6.53 -4.52
C ARG A 13 4.18 -5.50 -5.62
N PHE A 1 -9.27 1.20 2.73
CA PHE A 1 -8.12 0.68 3.53
C PHE A 1 -7.13 -0.01 2.60
N LYS A 2 -7.65 -0.62 1.54
CA LYS A 2 -6.80 -1.31 0.59
C LYS A 2 -6.10 -0.30 -0.32
N ARG A 3 -6.74 0.83 -0.53
CA ARG A 3 -6.17 1.88 -1.38
C ARG A 3 -5.01 2.59 -0.67
N ILE A 4 -5.20 2.90 0.61
CA ILE A 4 -4.16 3.57 1.38
C ILE A 4 -3.04 2.59 1.69
N VAL A 5 -3.43 1.33 1.93
CA VAL A 5 -2.46 0.30 2.24
C VAL A 5 -1.61 0.01 1.00
N GLN A 6 -2.20 0.24 -0.16
CA GLN A 6 -1.50 0.01 -1.42
C GLN A 6 -0.22 0.85 -1.48
N ARG A 7 -0.34 2.11 -1.09
CA ARG A 7 0.81 3.01 -1.09
C ARG A 7 1.95 2.43 -0.27
N ILE A 8 1.65 2.02 0.95
CA ILE A 8 2.66 1.45 1.83
C ILE A 8 3.19 0.15 1.26
N LYS A 9 2.31 -0.67 0.71
CA LYS A 9 2.73 -1.94 0.13
C LYS A 9 3.44 -1.69 -1.19
N ASP A 10 2.97 -0.70 -1.93
CA ASP A 10 3.58 -0.34 -3.21
C ASP A 10 4.99 0.18 -2.98
N PHE A 11 5.23 0.70 -1.78
CA PHE A 11 6.53 1.26 -1.44
C PHE A 11 7.60 0.15 -1.40
N LEU A 12 7.36 -0.92 -0.64
CA LEU A 12 8.32 -2.00 -0.53
C LEU A 12 8.37 -2.85 -1.80
N ARG A 13 7.23 -2.98 -2.48
CA ARG A 13 7.15 -3.78 -3.69
C ARG A 13 6.70 -2.92 -4.85
N PHE A 1 -10.23 -0.15 -2.39
CA PHE A 1 -9.43 -0.20 -1.14
C PHE A 1 -8.02 -0.68 -1.45
N LYS A 2 -7.90 -1.50 -2.49
CA LYS A 2 -6.59 -2.02 -2.89
C LYS A 2 -5.61 -0.88 -3.16
N ARG A 3 -6.13 0.22 -3.68
CA ARG A 3 -5.29 1.38 -3.97
C ARG A 3 -4.66 1.92 -2.69
N ILE A 4 -5.48 2.09 -1.66
CA ILE A 4 -4.99 2.60 -0.39
C ILE A 4 -4.08 1.57 0.27
N VAL A 5 -4.35 0.29 0.02
CA VAL A 5 -3.54 -0.77 0.57
C VAL A 5 -2.19 -0.84 -0.15
N GLN A 6 -2.19 -0.41 -1.41
CA GLN A 6 -0.99 -0.42 -2.22
C GLN A 6 0.05 0.55 -1.66
N ARG A 7 -0.40 1.76 -1.31
CA ARG A 7 0.51 2.76 -0.77
C ARG A 7 1.23 2.22 0.46
N ILE A 8 0.57 1.34 1.20
CA ILE A 8 1.18 0.75 2.39
C ILE A 8 2.37 -0.11 2.00
N LYS A 9 2.17 -1.01 1.05
CA LYS A 9 3.25 -1.88 0.60
C LYS A 9 4.42 -1.04 0.11
N ASP A 10 4.11 0.13 -0.44
CA ASP A 10 5.13 1.03 -0.94
C ASP A 10 5.87 1.67 0.23
N PHE A 11 5.19 1.77 1.37
CA PHE A 11 5.79 2.37 2.54
C PHE A 11 6.89 1.45 3.11
N LEU A 12 6.55 0.18 3.32
CA LEU A 12 7.51 -0.77 3.86
C LEU A 12 8.53 -1.20 2.79
N ARG A 13 8.06 -1.35 1.55
CA ARG A 13 8.93 -1.76 0.46
C ARG A 13 8.93 -0.69 -0.62
N PHE A 1 -9.81 -2.44 0.06
CA PHE A 1 -8.58 -2.72 0.86
C PHE A 1 -7.36 -2.67 -0.05
N LYS A 2 -7.60 -2.80 -1.36
CA LYS A 2 -6.51 -2.76 -2.33
C LYS A 2 -5.93 -1.36 -2.44
N ARG A 3 -6.78 -0.36 -2.19
CA ARG A 3 -6.34 1.03 -2.26
C ARG A 3 -5.50 1.38 -1.04
N ILE A 4 -5.92 0.94 0.13
CA ILE A 4 -5.18 1.21 1.35
C ILE A 4 -3.91 0.36 1.40
N VAL A 5 -3.97 -0.82 0.80
CA VAL A 5 -2.82 -1.71 0.77
C VAL A 5 -1.76 -1.13 -0.16
N GLN A 6 -2.21 -0.38 -1.15
CA GLN A 6 -1.31 0.23 -2.12
C GLN A 6 -0.36 1.24 -1.48
N ARG A 7 -0.90 2.09 -0.62
CA ARG A 7 -0.08 3.11 0.04
C ARG A 7 0.82 2.47 1.10
N ILE A 8 0.32 1.44 1.76
CA ILE A 8 1.11 0.76 2.79
C ILE A 8 2.19 -0.10 2.15
N LYS A 9 1.87 -0.77 1.06
CA LYS A 9 2.84 -1.60 0.36
C LYS A 9 3.83 -0.72 -0.39
N ASP A 10 3.33 0.39 -0.93
CA ASP A 10 4.18 1.32 -1.66
C ASP A 10 5.17 1.96 -0.71
N PHE A 11 4.81 2.01 0.56
CA PHE A 11 5.67 2.61 1.58
C PHE A 11 6.97 1.80 1.72
N LEU A 12 6.86 0.49 1.91
CA LEU A 12 8.05 -0.35 2.07
C LEU A 12 8.76 -0.57 0.73
N ARG A 13 7.98 -0.79 -0.32
CA ARG A 13 8.56 -1.04 -1.64
C ARG A 13 8.08 0.02 -2.61
N PHE A 1 -3.94 8.90 -0.96
CA PHE A 1 -3.75 8.09 0.28
C PHE A 1 -4.05 6.63 -0.03
N LYS A 2 -4.94 6.39 -0.97
CA LYS A 2 -5.30 5.03 -1.36
C LYS A 2 -4.19 4.41 -2.21
N ARG A 3 -3.47 5.26 -2.94
CA ARG A 3 -2.39 4.79 -3.80
C ARG A 3 -1.18 4.38 -2.97
N ILE A 4 -0.81 5.22 -2.00
CA ILE A 4 0.34 4.92 -1.16
C ILE A 4 0.01 3.79 -0.19
N VAL A 5 -1.26 3.72 0.21
CA VAL A 5 -1.70 2.68 1.13
C VAL A 5 -1.74 1.33 0.42
N GLN A 6 -1.94 1.35 -0.89
CA GLN A 6 -1.99 0.12 -1.67
C GLN A 6 -0.62 -0.55 -1.72
N ARG A 7 0.42 0.24 -1.96
CA ARG A 7 1.77 -0.30 -2.05
C ARG A 7 2.15 -1.00 -0.73
N ILE A 8 1.67 -0.45 0.38
CA ILE A 8 1.98 -1.05 1.68
C ILE A 8 1.35 -2.43 1.79
N LYS A 9 0.17 -2.60 1.21
CA LYS A 9 -0.51 -3.89 1.25
C LYS A 9 0.17 -4.85 0.28
N ASP A 10 0.48 -4.34 -0.91
CA ASP A 10 1.15 -5.15 -1.92
C ASP A 10 2.49 -5.64 -1.40
N PHE A 11 3.07 -4.89 -0.47
CA PHE A 11 4.36 -5.25 0.11
C PHE A 11 4.30 -6.62 0.79
N LEU A 12 3.30 -6.82 1.65
CA LEU A 12 3.16 -8.09 2.35
C LEU A 12 2.76 -9.19 1.38
N ARG A 13 2.18 -8.80 0.27
CA ARG A 13 1.75 -9.76 -0.74
C ARG A 13 2.55 -9.54 -2.01
N PHE A 1 -10.05 -0.32 1.39
CA PHE A 1 -8.93 0.15 2.24
C PHE A 1 -7.65 -0.56 1.83
N LYS A 2 -7.78 -1.78 1.32
CA LYS A 2 -6.62 -2.54 0.87
C LYS A 2 -5.96 -1.87 -0.33
N ARG A 3 -6.76 -1.16 -1.12
CA ARG A 3 -6.24 -0.49 -2.31
C ARG A 3 -5.27 0.62 -1.93
N ILE A 4 -5.66 1.47 -0.99
CA ILE A 4 -4.79 2.56 -0.55
C ILE A 4 -3.59 2.00 0.17
N VAL A 5 -3.83 0.99 1.00
CA VAL A 5 -2.77 0.35 1.74
C VAL A 5 -1.72 -0.23 0.79
N GLN A 6 -2.17 -0.62 -0.40
CA GLN A 6 -1.27 -1.18 -1.39
C GLN A 6 -0.25 -0.13 -1.85
N ARG A 7 -0.75 1.07 -2.12
CA ARG A 7 0.11 2.16 -2.57
C ARG A 7 1.25 2.40 -1.57
N ILE A 8 0.91 2.40 -0.28
CA ILE A 8 1.92 2.62 0.75
C ILE A 8 2.96 1.51 0.70
N LYS A 9 2.52 0.26 0.70
CA LYS A 9 3.44 -0.86 0.65
C LYS A 9 4.32 -0.76 -0.60
N ASP A 10 3.76 -0.20 -1.66
CA ASP A 10 4.49 -0.04 -2.91
C ASP A 10 5.52 1.08 -2.76
N PHE A 11 5.26 1.99 -1.85
CA PHE A 11 6.17 3.10 -1.61
C PHE A 11 7.45 2.60 -0.94
N LEU A 12 7.32 1.86 0.15
CA LEU A 12 8.49 1.33 0.85
C LEU A 12 9.10 0.16 0.10
N ARG A 13 8.27 -0.69 -0.49
CA ARG A 13 8.76 -1.85 -1.22
C ARG A 13 8.12 -1.89 -2.59
N PHE A 1 -8.81 1.12 -4.12
CA PHE A 1 -8.35 1.32 -2.71
C PHE A 1 -7.32 0.25 -2.37
N LYS A 2 -7.46 -0.92 -2.97
CA LYS A 2 -6.52 -2.01 -2.72
C LYS A 2 -5.21 -1.76 -3.46
N ARG A 3 -5.30 -1.05 -4.58
CA ARG A 3 -4.12 -0.75 -5.37
C ARG A 3 -3.26 0.31 -4.69
N ILE A 4 -3.91 1.37 -4.19
CA ILE A 4 -3.16 2.44 -3.52
C ILE A 4 -2.68 1.95 -2.15
N VAL A 5 -3.47 1.09 -1.53
CA VAL A 5 -3.11 0.55 -0.22
C VAL A 5 -1.92 -0.38 -0.37
N GLN A 6 -1.79 -0.98 -1.55
CA GLN A 6 -0.70 -1.91 -1.82
C GLN A 6 0.65 -1.20 -1.71
N ARG A 7 0.75 -0.01 -2.31
CA ARG A 7 2.00 0.73 -2.27
C ARG A 7 2.27 1.32 -0.89
N ILE A 8 1.20 1.71 -0.19
CA ILE A 8 1.36 2.29 1.14
C ILE A 8 1.83 1.22 2.12
N LYS A 9 1.13 0.10 2.16
CA LYS A 9 1.51 -0.98 3.06
C LYS A 9 2.96 -1.37 2.80
N ASP A 10 3.38 -1.25 1.55
CA ASP A 10 4.74 -1.58 1.16
C ASP A 10 5.71 -0.54 1.72
N PHE A 11 5.20 0.66 1.94
CA PHE A 11 6.02 1.75 2.46
C PHE A 11 6.38 1.52 3.94
N LEU A 12 5.37 1.25 4.77
CA LEU A 12 5.60 1.01 6.19
C LEU A 12 6.30 -0.32 6.41
N ARG A 13 6.05 -1.29 5.53
CA ARG A 13 6.65 -2.61 5.66
C ARG A 13 7.48 -2.90 4.42
N PHE A 1 -9.10 4.43 -0.28
CA PHE A 1 -7.73 5.02 -0.28
C PHE A 1 -6.77 4.10 0.47
N LYS A 2 -7.31 3.34 1.42
CA LYS A 2 -6.50 2.42 2.20
C LYS A 2 -6.19 1.18 1.38
N ARG A 3 -7.09 0.85 0.46
CA ARG A 3 -6.90 -0.33 -0.39
C ARG A 3 -5.80 -0.08 -1.42
N ILE A 4 -5.84 1.08 -2.08
CA ILE A 4 -4.83 1.40 -3.08
C ILE A 4 -3.50 1.67 -2.40
N VAL A 5 -3.55 2.28 -1.22
CA VAL A 5 -2.33 2.58 -0.48
C VAL A 5 -1.69 1.29 0.00
N GLN A 6 -2.51 0.26 0.18
CA GLN A 6 -2.03 -1.04 0.63
C GLN A 6 -1.00 -1.59 -0.35
N ARG A 7 -1.30 -1.45 -1.64
CA ARG A 7 -0.40 -1.93 -2.68
C ARG A 7 1.01 -1.40 -2.45
N ILE A 8 1.10 -0.20 -1.90
CA ILE A 8 2.40 0.42 -1.63
C ILE A 8 3.10 -0.34 -0.51
N LYS A 9 2.41 -0.56 0.59
CA LYS A 9 3.00 -1.27 1.71
C LYS A 9 3.47 -2.65 1.26
N ASP A 10 2.78 -3.21 0.27
CA ASP A 10 3.13 -4.52 -0.27
C ASP A 10 4.40 -4.41 -1.10
N PHE A 11 4.66 -3.22 -1.63
CA PHE A 11 5.84 -3.00 -2.45
C PHE A 11 7.11 -3.05 -1.59
N LEU A 12 7.11 -2.33 -0.47
CA LEU A 12 8.27 -2.32 0.42
C LEU A 12 8.41 -3.63 1.18
N ARG A 13 7.29 -4.19 1.63
CA ARG A 13 7.33 -5.44 2.39
C ARG A 13 6.42 -6.47 1.73
#